data_7RV5
#
_entry.id   7RV5
#
_cell.length_a   30.620
_cell.length_b   72.198
_cell.length_c   55.079
_cell.angle_alpha   90.000
_cell.angle_beta   105.970
_cell.angle_gamma   90.000
#
_symmetry.space_group_name_H-M   'C 1 2 1'
#
loop_
_entity.id
_entity.type
_entity.pdbx_description
1 polymer 'Isoform 2 of B-cell lymphoma 6 protein'
2 non-polymer 2-[2-(4-benzylpiperidin-1-yl)-4-oxo-3,4-dihydro-7H-pyrrolo[2,3-d]pyrimidin-7-yl]-N-(3-chloropyridin-4-yl)acetamide
3 water water
#
_entity_poly.entity_id   1
_entity_poly.type   'polypeptide(L)'
_entity_poly.pdbx_seq_one_letter_code
;GSADSQIQFTRHASDVLLNLNRLRSRDILTDVVIVVSREQFRAHKTVLMACSGLFYSIFTDQLKRNLSVINLDPEINPEG
FNILLDFMYTSRLNLREGNIMAVMATAMYLQMEHVVDTCRKFIKASE
;
_entity_poly.pdbx_strand_id   A
#
# COMPACT_ATOMS: atom_id res chain seq x y z
N SER A 5 -13.92 -18.85 23.34
CA SER A 5 -13.51 -18.54 24.72
C SER A 5 -13.09 -17.08 24.83
N GLN A 6 -13.30 -16.33 23.75
CA GLN A 6 -12.72 -14.99 23.62
C GLN A 6 -13.69 -14.08 22.91
N ILE A 7 -13.92 -12.89 23.46
CA ILE A 7 -14.84 -11.94 22.84
C ILE A 7 -14.18 -11.30 21.62
N GLN A 8 -14.86 -11.37 20.47
CA GLN A 8 -14.38 -10.82 19.22
CA GLN A 8 -14.39 -10.83 19.22
C GLN A 8 -14.90 -9.41 19.07
N PHE A 9 -13.98 -8.47 18.82
CA PHE A 9 -14.28 -7.07 18.60
C PHE A 9 -14.22 -6.86 17.09
N THR A 10 -15.40 -6.84 16.45
CA THR A 10 -15.49 -7.00 15.00
C THR A 10 -15.02 -5.75 14.22
N ARG A 11 -14.95 -4.57 14.86
CA ARG A 11 -14.49 -3.36 14.18
C ARG A 11 -13.15 -2.87 14.69
N HIS A 12 -12.52 -3.64 15.59
CA HIS A 12 -11.25 -3.19 16.14
C HIS A 12 -10.18 -3.04 15.04
N ALA A 13 -10.15 -3.95 14.06
CA ALA A 13 -9.11 -3.93 13.05
C ALA A 13 -9.27 -2.71 12.14
N SER A 14 -10.52 -2.37 11.80
CA SER A 14 -10.78 -1.16 11.03
C SER A 14 -10.47 0.10 11.86
N ASP A 15 -10.90 0.13 13.13
CA ASP A 15 -10.52 1.24 14.02
C ASP A 15 -9.00 1.47 14.09
N VAL A 16 -8.23 0.40 14.26
CA VAL A 16 -6.77 0.48 14.26
C VAL A 16 -6.22 1.07 12.96
N LEU A 17 -6.68 0.53 11.81
CA LEU A 17 -6.22 1.03 10.51
C LEU A 17 -6.54 2.52 10.33
N LEU A 18 -7.73 2.96 10.74
CA LEU A 18 -8.04 4.38 10.73
C LEU A 18 -7.03 5.17 11.54
N ASN A 19 -6.63 4.67 12.71
CA ASN A 19 -5.69 5.44 13.53
C ASN A 19 -4.28 5.43 12.92
N LEU A 20 -3.87 4.31 12.30
CA LEU A 20 -2.57 4.34 11.63
C LEU A 20 -2.55 5.38 10.50
N ASN A 21 -3.67 5.60 9.83
CA ASN A 21 -3.77 6.55 8.71
C ASN A 21 -3.86 7.98 9.20
N ARG A 22 -4.49 8.20 10.35
CA ARG A 22 -4.32 9.41 11.12
C ARG A 22 -2.86 9.72 11.40
N LEU A 23 -2.12 8.76 11.96
CA LEU A 23 -0.72 8.98 12.27
C LEU A 23 0.07 9.32 10.99
N ARG A 24 -0.22 8.63 9.88
CA ARG A 24 0.44 8.93 8.61
C ARG A 24 0.05 10.31 8.09
N SER A 25 -1.22 10.72 8.32
CA SER A 25 -1.68 12.04 7.88
C SER A 25 -0.96 13.14 8.64
N ARG A 26 -0.45 12.81 9.84
CA ARG A 26 0.22 13.78 10.72
C ARG A 26 1.71 13.55 10.80
N ASP A 27 2.22 12.58 10.07
CA ASP A 27 3.62 12.24 9.99
C ASP A 27 4.21 11.71 11.28
N ILE A 28 3.37 11.15 12.16
CA ILE A 28 3.84 10.62 13.43
C ILE A 28 4.33 9.20 13.19
N LEU A 29 5.62 8.97 13.52
CA LEU A 29 6.29 7.68 13.51
C LEU A 29 6.42 7.08 12.11
N THR A 30 6.15 7.86 11.07
CA THR A 30 6.58 7.47 9.74
C THR A 30 8.08 7.23 9.72
N ASP A 31 8.51 6.20 8.98
CA ASP A 31 9.93 5.86 8.99
C ASP A 31 10.51 5.54 7.61
N VAL A 32 9.87 5.97 6.53
CA VAL A 32 10.40 5.79 5.17
C VAL A 32 9.67 6.77 4.25
N VAL A 33 10.39 7.26 3.24
CA VAL A 33 9.81 8.04 2.15
CA VAL A 33 9.84 8.06 2.15
C VAL A 33 10.00 7.25 0.86
N ILE A 34 8.91 7.10 0.10
CA ILE A 34 8.87 6.34 -1.14
C ILE A 34 8.92 7.36 -2.26
N VAL A 35 10.02 7.36 -3.02
CA VAL A 35 10.19 8.29 -4.13
C VAL A 35 9.61 7.62 -5.37
N VAL A 36 8.58 8.22 -5.97
CA VAL A 36 7.96 7.69 -7.19
C VAL A 36 8.00 8.82 -8.21
N SER A 37 9.04 8.82 -9.04
CA SER A 37 9.42 9.97 -9.86
C SER A 37 9.48 11.27 -9.08
N ARG A 38 8.62 12.23 -9.45
CA ARG A 38 8.62 13.54 -8.82
C ARG A 38 7.88 13.54 -7.48
N GLU A 39 7.12 12.50 -7.19
CA GLU A 39 6.34 12.40 -5.97
C GLU A 39 7.16 11.79 -4.84
N GLN A 40 6.82 12.20 -3.62
CA GLN A 40 7.27 11.54 -2.41
C GLN A 40 6.04 11.13 -1.62
N PHE A 41 6.16 10.02 -0.90
CA PHE A 41 5.12 9.57 0.00
C PHE A 41 5.80 9.00 1.24
N ARG A 42 5.51 9.58 2.40
CA ARG A 42 5.91 9.00 3.67
C ARG A 42 4.92 7.93 4.12
N ALA A 43 5.45 6.96 4.88
CA ALA A 43 4.63 5.85 5.35
C ALA A 43 5.34 5.15 6.50
N HIS A 44 4.61 4.20 7.10
CA HIS A 44 5.13 3.28 8.10
C HIS A 44 5.55 2.00 7.41
N LYS A 45 6.81 1.63 7.59
CA LYS A 45 7.31 0.38 6.99
C LYS A 45 6.42 -0.80 7.34
N THR A 46 5.93 -0.84 8.59
CA THR A 46 5.19 -1.99 9.06
C THR A 46 3.94 -2.17 8.24
N VAL A 47 3.23 -1.07 7.97
CA VAL A 47 1.97 -1.10 7.25
C VAL A 47 2.19 -1.53 5.80
N LEU A 48 3.33 -1.09 5.21
CA LEU A 48 3.71 -1.43 3.84
C LEU A 48 4.10 -2.90 3.73
N MET A 49 4.84 -3.41 4.72
CA MET A 49 5.14 -4.84 4.78
C MET A 49 3.86 -5.64 4.89
N ALA A 50 2.92 -5.14 5.69
CA ALA A 50 1.65 -5.80 5.95
C ALA A 50 0.74 -5.82 4.73
N CYS A 51 1.10 -5.14 3.62
CA CYS A 51 0.18 -5.04 2.49
C CYS A 51 0.83 -5.41 1.16
N SER A 52 2.15 -5.27 1.04
CA SER A 52 2.85 -5.49 -0.23
C SER A 52 3.93 -6.56 -0.10
N GLY A 53 4.01 -7.44 -1.10
CA GLY A 53 5.09 -8.43 -1.13
C GLY A 53 6.43 -7.81 -1.46
N LEU A 54 6.43 -6.72 -2.22
CA LEU A 54 7.66 -6.00 -2.55
C LEU A 54 8.29 -5.41 -1.30
N PHE A 55 7.47 -4.69 -0.50
CA PHE A 55 7.98 -4.03 0.69
C PHE A 55 8.27 -5.06 1.81
N TYR A 56 7.40 -6.06 1.97
CA TYR A 56 7.72 -7.13 2.93
C TYR A 56 9.10 -7.72 2.64
N SER A 57 9.34 -8.07 1.36
CA SER A 57 10.61 -8.71 0.99
CA SER A 57 10.61 -8.71 0.99
C SER A 57 11.78 -7.75 1.14
N ILE A 58 11.56 -6.45 0.93
CA ILE A 58 12.65 -5.49 1.03
C ILE A 58 13.06 -5.30 2.49
N PHE A 59 12.06 -5.16 3.37
CA PHE A 59 12.31 -4.80 4.75
C PHE A 59 12.46 -5.97 5.72
N THR A 60 11.99 -7.20 5.40
CA THR A 60 12.41 -8.35 6.22
C THR A 60 13.91 -8.59 6.09
N ASP A 61 14.47 -8.23 4.93
CA ASP A 61 15.90 -8.32 4.67
C ASP A 61 16.65 -7.38 5.59
N GLN A 62 17.42 -7.96 6.51
CA GLN A 62 18.26 -7.19 7.43
C GLN A 62 19.11 -6.16 6.70
N LEU A 63 19.58 -6.49 5.50
CA LEU A 63 20.37 -5.58 4.67
C LEU A 63 19.63 -4.35 4.20
N LYS A 64 18.30 -4.36 4.21
CA LYS A 64 17.53 -3.22 3.72
C LYS A 64 16.47 -2.73 4.69
N ARG A 65 16.36 -3.36 5.85
CA ARG A 65 15.25 -3.03 6.73
C ARG A 65 15.35 -1.61 7.26
N ASN A 66 16.55 -1.07 7.41
CA ASN A 66 16.71 0.25 8.02
C ASN A 66 16.88 1.36 6.98
N LEU A 67 16.70 1.05 5.71
CA LEU A 67 16.46 2.07 4.70
C LEU A 67 15.44 3.08 5.21
N SER A 68 15.70 4.38 4.98
CA SER A 68 14.66 5.40 5.19
C SER A 68 14.15 6.01 3.89
N VAL A 69 14.74 5.67 2.75
CA VAL A 69 14.31 6.12 1.43
C VAL A 69 14.26 4.92 0.49
N ILE A 70 13.13 4.71 -0.18
CA ILE A 70 13.00 3.72 -1.25
C ILE A 70 12.67 4.48 -2.53
N ASN A 71 13.45 4.24 -3.57
CA ASN A 71 13.15 4.80 -4.89
C ASN A 71 12.57 3.69 -5.76
N LEU A 72 11.32 3.87 -6.16
CA LEU A 72 10.68 2.94 -7.08
C LEU A 72 11.20 3.17 -8.49
N ASP A 73 11.01 2.17 -9.35
CA ASP A 73 11.45 2.31 -10.72
C ASP A 73 10.66 3.45 -11.36
N PRO A 74 11.31 4.39 -12.04
CA PRO A 74 10.61 5.58 -12.54
C PRO A 74 9.54 5.25 -13.56
N GLU A 75 9.39 3.97 -13.88
CA GLU A 75 8.29 3.54 -14.74
C GLU A 75 6.99 3.37 -13.96
N ILE A 76 7.02 3.36 -12.62
CA ILE A 76 5.80 3.24 -11.84
C ILE A 76 4.93 4.48 -12.05
N ASN A 77 3.62 4.25 -12.14
CA ASN A 77 2.67 5.35 -12.30
C ASN A 77 2.35 5.92 -10.92
N PRO A 78 2.59 7.22 -10.67
CA PRO A 78 2.43 7.72 -9.29
C PRO A 78 1.01 7.67 -8.78
N GLU A 79 0.04 7.96 -9.65
CA GLU A 79 -1.37 7.85 -9.27
C GLU A 79 -1.71 6.43 -8.86
N GLY A 80 -1.28 5.46 -9.64
CA GLY A 80 -1.53 4.08 -9.27
C GLY A 80 -0.94 3.72 -7.92
N PHE A 81 0.27 4.22 -7.63
CA PHE A 81 0.88 3.92 -6.33
C PHE A 81 0.10 4.62 -5.21
N ASN A 82 -0.34 5.87 -5.44
CA ASN A 82 -1.11 6.60 -4.42
C ASN A 82 -2.43 5.91 -4.13
N ILE A 83 -3.13 5.46 -5.16
CA ILE A 83 -4.40 4.73 -4.97
C ILE A 83 -4.17 3.44 -4.18
N LEU A 84 -3.02 2.76 -4.43
CA LEU A 84 -2.72 1.51 -3.70
C LEU A 84 -2.24 1.80 -2.29
N LEU A 85 -1.48 2.89 -2.13
CA LEU A 85 -1.01 3.30 -0.80
C LEU A 85 -2.18 3.67 0.09
N ASP A 86 -3.18 4.34 -0.50
CA ASP A 86 -4.39 4.72 0.23
C ASP A 86 -5.24 3.49 0.56
N PHE A 87 -5.42 2.59 -0.42
CA PHE A 87 -5.99 1.27 -0.15
C PHE A 87 -5.35 0.62 1.08
N MET A 88 -4.00 0.64 1.14
CA MET A 88 -3.31 0.00 2.26
C MET A 88 -3.79 0.58 3.58
N TYR A 89 -4.11 1.88 3.59
CA TYR A 89 -4.44 2.59 4.83
C TYR A 89 -5.93 2.76 5.07
N THR A 90 -6.78 2.28 4.19
CA THR A 90 -8.23 2.46 4.31
C THR A 90 -9.03 1.24 3.95
N SER A 91 -8.45 0.27 3.26
CA SER A 91 -9.11 -0.92 2.77
C SER A 91 -10.14 -0.58 1.69
N ARG A 92 -10.00 0.57 1.04
N ARG A 92 -9.98 0.55 1.01
CA ARG A 92 -10.85 0.96 -0.07
CA ARG A 92 -10.88 0.96 -0.06
C ARG A 92 -10.00 1.08 -1.33
C ARG A 92 -10.05 1.15 -1.34
N LEU A 93 -10.50 0.55 -2.44
CA LEU A 93 -9.83 0.60 -3.73
C LEU A 93 -10.60 1.46 -4.74
N ASN A 94 -10.04 2.62 -5.10
CA ASN A 94 -10.61 3.48 -6.15
C ASN A 94 -10.29 2.91 -7.54
N LEU A 95 -11.11 1.95 -7.99
CA LEU A 95 -11.01 1.44 -9.37
C LEU A 95 -12.00 2.17 -10.28
N ARG A 96 -11.46 2.88 -11.27
CA ARG A 96 -12.23 3.45 -12.36
C ARG A 96 -11.73 2.79 -13.63
N GLU A 97 -12.60 2.82 -14.62
CA GLU A 97 -12.32 2.40 -15.91
C GLU A 97 -11.09 3.19 -16.35
N GLY A 98 -11.04 4.50 -16.02
CA GLY A 98 -10.03 5.46 -16.40
C GLY A 98 -8.64 5.13 -15.92
N ASN A 99 -8.51 4.29 -14.86
CA ASN A 99 -7.18 3.94 -14.39
C ASN A 99 -7.00 2.46 -14.02
N ILE A 100 -7.89 1.58 -14.45
CA ILE A 100 -7.80 0.17 -14.04
C ILE A 100 -6.45 -0.41 -14.41
N MET A 101 -5.98 -0.15 -15.63
CA MET A 101 -4.74 -0.77 -16.07
C MET A 101 -3.55 -0.26 -15.27
N ALA A 102 -3.49 1.03 -15.04
CA ALA A 102 -2.40 1.60 -14.31
C ALA A 102 -2.33 1.06 -12.90
N VAL A 103 -3.49 0.85 -12.29
CA VAL A 103 -3.58 0.31 -10.96
C VAL A 103 -3.17 -1.17 -10.96
N MET A 104 -3.70 -1.96 -11.88
CA MET A 104 -3.34 -3.36 -11.99
C MET A 104 -1.83 -3.54 -12.11
N ALA A 105 -1.22 -2.89 -13.11
CA ALA A 105 0.21 -3.03 -13.35
C ALA A 105 1.04 -2.51 -12.19
N THR A 106 0.49 -1.66 -11.36
CA THR A 106 1.20 -1.15 -10.21
C THR A 106 1.02 -2.14 -9.06
N ALA A 107 -0.14 -2.76 -8.96
CA ALA A 107 -0.37 -3.75 -7.93
C ALA A 107 0.42 -5.04 -8.18
N MET A 108 0.69 -5.38 -9.44
CA MET A 108 1.57 -6.51 -9.75
C MET A 108 3.02 -6.20 -9.32
N TYR A 109 3.55 -5.05 -9.75
CA TYR A 109 4.88 -4.62 -9.29
C TYR A 109 5.03 -4.62 -7.78
N LEU A 110 3.95 -4.31 -7.05
CA LEU A 110 4.00 -4.24 -5.60
C LEU A 110 3.63 -5.57 -4.92
N GLN A 111 3.36 -6.62 -5.72
CA GLN A 111 3.09 -7.96 -5.19
C GLN A 111 1.91 -7.91 -4.20
N MET A 112 0.83 -7.32 -4.68
CA MET A 112 -0.42 -7.21 -3.95
C MET A 112 -1.42 -8.10 -4.70
N GLU A 113 -1.35 -9.42 -4.40
CA GLU A 113 -1.96 -10.45 -5.23
C GLU A 113 -3.48 -10.32 -5.26
N HIS A 114 -4.10 -10.10 -4.10
CA HIS A 114 -5.55 -10.01 -4.04
C HIS A 114 -6.07 -8.80 -4.81
N VAL A 115 -5.40 -7.65 -4.66
CA VAL A 115 -5.76 -6.45 -5.41
C VAL A 115 -5.65 -6.69 -6.91
N VAL A 116 -4.59 -7.38 -7.36
CA VAL A 116 -4.46 -7.70 -8.78
C VAL A 116 -5.64 -8.56 -9.25
N ASP A 117 -6.00 -9.56 -8.46
CA ASP A 117 -7.13 -10.44 -8.78
C ASP A 117 -8.44 -9.66 -8.85
N THR A 118 -8.68 -8.77 -7.89
CA THR A 118 -9.83 -7.85 -7.94
C THR A 118 -9.84 -7.05 -9.24
N CYS A 119 -8.66 -6.63 -9.71
CA CYS A 119 -8.57 -5.96 -11.00
C CYS A 119 -8.93 -6.89 -12.16
N ARG A 120 -8.65 -8.19 -12.03
CA ARG A 120 -9.02 -9.12 -13.09
C ARG A 120 -10.53 -9.32 -13.10
N LYS A 121 -11.12 -9.49 -11.92
CA LYS A 121 -12.57 -9.52 -11.83
C LYS A 121 -13.18 -8.19 -12.24
N PHE A 122 -12.47 -7.08 -12.04
CA PHE A 122 -12.98 -5.78 -12.48
C PHE A 122 -13.08 -5.76 -14.00
N ILE A 123 -12.00 -6.16 -14.69
CA ILE A 123 -12.02 -6.25 -16.16
C ILE A 123 -13.22 -7.03 -16.64
N LYS A 124 -13.38 -8.26 -16.15
CA LYS A 124 -14.50 -9.10 -16.56
C LYS A 124 -15.82 -8.33 -16.55
N ALA A 125 -16.10 -7.65 -15.42
CA ALA A 125 -17.31 -6.86 -15.22
C ALA A 125 -17.39 -5.66 -16.15
N SER A 126 -16.36 -5.41 -16.96
CA SER A 126 -16.45 -4.54 -18.13
C SER A 126 -16.84 -5.36 -19.38
#